data_3R5E
#
_entry.id   3R5E
#
_cell.length_a   51.020
_cell.length_b   78.860
_cell.length_c   79.100
_cell.angle_alpha   90.00
_cell.angle_beta   90.00
_cell.angle_gamma   90.00
#
_symmetry.space_group_name_H-M   'P 21 21 21'
#
loop_
_entity.id
_entity.type
_entity.pdbx_description
1 polymer Transaldolase
2 non-polymer 'SULFATE ION'
3 water water
#
_entity_poly.entity_id   1
_entity_poly.type   'polypeptide(L)'
_entity_poly.pdbx_seq_one_letter_code
;MSHIDDLAQLGTSTWLDDLSRERITSGNLSQVIEEKSVVGVTTNPAIFAAAMSKGDSYDAQIAELKAAGASVDQAVYAMS
IDDVRNACDLFTGIFESSNGYDGRVSIEVDPRISADRDATLAQAKELWAKVDRPNVMIKIPATPGSLPAITDALAEGISV
NVTLIFSVARYREVIAAFIEGIKQAAANGHDVSKIHSVASFFVSRVDVEIDKRLEAIGSDEALALRGKAGVANAQRAYAV
YKELFDAAELPEGANTQRPLWASTGVKNPAYAATLYVSELAGPNTVNTMPEGTIDAVLEQGNLHGDTLSNSAAEADAVFS
QLEALGVDLADVFQVLETEGVDKFVASWSELLESMEARLK
;
_entity_poly.pdbx_strand_id   A
#
# COMPACT_ATOMS: atom_id res chain seq x y z
N MET A 1 9.22 -22.85 7.54
CA MET A 1 8.11 -23.21 8.47
C MET A 1 6.74 -22.92 7.79
N SER A 2 6.31 -21.65 7.75
CA SER A 2 4.92 -21.32 7.35
C SER A 2 4.74 -20.98 5.87
N HIS A 3 3.49 -20.91 5.42
CA HIS A 3 3.21 -20.55 4.02
C HIS A 3 3.65 -19.11 3.70
N ILE A 4 3.71 -18.24 4.71
CA ILE A 4 4.20 -16.86 4.52
C ILE A 4 5.73 -16.87 4.30
N ASP A 5 6.43 -17.74 5.04
CA ASP A 5 7.83 -17.99 4.77
C ASP A 5 8.03 -18.50 3.33
N ASP A 6 7.21 -19.46 2.89
CA ASP A 6 7.31 -19.98 1.52
C ASP A 6 7.08 -18.84 0.51
N LEU A 7 6.14 -17.94 0.82
CA LEU A 7 5.85 -16.81 -0.06
C LEU A 7 7.04 -15.85 -0.18
N ALA A 8 7.77 -15.64 0.92
CA ALA A 8 8.98 -14.81 0.91
C ALA A 8 10.12 -15.47 0.11
N GLN A 9 10.19 -16.80 0.15
CA GLN A 9 11.19 -17.52 -0.62
C GLN A 9 10.94 -17.37 -2.10
N LEU A 10 9.66 -17.17 -2.47
CA LEU A 10 9.27 -16.87 -3.85
C LEU A 10 9.62 -15.45 -4.23
N GLY A 11 9.82 -14.57 -3.24
CA GLY A 11 10.29 -13.19 -3.46
C GLY A 11 9.38 -12.09 -2.94
N THR A 12 8.24 -12.49 -2.37
CA THR A 12 7.20 -11.55 -1.92
C THR A 12 7.18 -11.40 -0.41
N SER A 13 7.54 -10.22 0.05
CA SER A 13 7.49 -9.89 1.46
C SER A 13 6.03 -9.66 1.84
N THR A 14 5.68 -10.02 3.08
CA THR A 14 4.31 -9.82 3.60
C THR A 14 4.29 -8.65 4.60
N TRP A 15 3.51 -7.62 4.27
CA TRP A 15 3.20 -6.52 5.21
C TRP A 15 1.73 -6.61 5.67
N LEU A 16 1.44 -5.99 6.81
CA LEU A 16 0.08 -5.95 7.39
C LEU A 16 -0.54 -4.61 7.08
N ASP A 17 -1.82 -4.61 6.69
CA ASP A 17 -2.45 -3.39 6.18
C ASP A 17 -3.13 -2.51 7.25
N ASP A 18 -2.77 -2.68 8.52
CA ASP A 18 -3.19 -1.73 9.55
C ASP A 18 -2.31 -1.74 10.80
N LEU A 19 -2.33 -0.62 11.52
CA LEU A 19 -1.56 -0.43 12.74
C LEU A 19 -2.49 0.13 13.82
N SER A 20 -3.42 -0.70 14.27
CA SER A 20 -4.32 -0.30 15.33
C SER A 20 -3.61 -0.49 16.67
N ARG A 21 -3.84 0.43 17.59
CA ARG A 21 -3.25 0.33 18.93
C ARG A 21 -3.68 -0.92 19.70
N GLU A 22 -4.83 -1.49 19.35
CA GLU A 22 -5.23 -2.81 19.85
C GLU A 22 -4.08 -3.80 19.66
N ARG A 23 -3.57 -3.88 18.43
CA ARG A 23 -2.52 -4.83 18.06
C ARG A 23 -1.26 -4.67 18.88
N ILE A 24 -0.94 -3.44 19.25
CA ILE A 24 0.30 -3.15 19.95
C ILE A 24 0.20 -3.58 21.40
N THR A 25 -0.79 -3.07 22.11
CA THR A 25 -0.94 -3.35 23.54
C THR A 25 -1.15 -4.83 23.80
N SER A 26 -2.00 -5.46 23.00
CA SER A 26 -2.30 -6.89 23.14
C SER A 26 -1.09 -7.80 22.92
N GLY A 27 -0.01 -7.24 22.37
CA GLY A 27 1.11 -8.05 21.90
C GLY A 27 0.90 -8.69 20.52
N ASN A 28 -0.23 -8.42 19.87
CA ASN A 28 -0.49 -8.95 18.53
C ASN A 28 0.57 -8.55 17.49
N LEU A 29 1.08 -7.32 17.56
CA LEU A 29 2.02 -6.86 16.53
C LEU A 29 3.37 -7.58 16.63
N SER A 30 3.81 -7.86 17.85
CA SER A 30 4.99 -8.69 18.03
C SER A 30 4.72 -10.07 17.52
N GLN A 31 3.56 -10.61 17.88
CA GLN A 31 3.21 -11.98 17.54
C GLN A 31 3.19 -12.17 16.01
N VAL A 32 2.57 -11.21 15.33
CA VAL A 32 2.43 -11.27 13.88
C VAL A 32 3.80 -11.23 13.19
N ILE A 33 4.73 -10.43 13.70
CA ILE A 33 6.10 -10.43 13.16
C ILE A 33 6.78 -11.79 13.44
N GLU A 34 6.70 -12.22 14.68
CA GLU A 34 7.41 -13.41 15.15
C GLU A 34 6.81 -14.72 14.62
N GLU A 35 5.49 -14.78 14.50
CA GLU A 35 4.78 -16.03 14.16
C GLU A 35 4.15 -16.05 12.78
N LYS A 36 3.74 -14.88 12.27
CA LYS A 36 3.14 -14.82 10.95
C LYS A 36 4.10 -14.28 9.89
N SER A 37 5.34 -14.04 10.30
CA SER A 37 6.41 -13.61 9.40
C SER A 37 6.13 -12.27 8.71
N VAL A 38 5.45 -11.37 9.41
CA VAL A 38 5.13 -10.03 8.93
C VAL A 38 6.39 -9.18 9.08
N VAL A 39 6.73 -8.45 8.01
CA VAL A 39 7.96 -7.67 7.96
C VAL A 39 7.74 -6.20 7.55
N GLY A 40 6.50 -5.73 7.69
CA GLY A 40 6.15 -4.33 7.48
C GLY A 40 4.70 -4.09 7.87
N VAL A 41 4.35 -2.83 8.14
CA VAL A 41 2.99 -2.44 8.49
C VAL A 41 2.64 -1.08 7.90
N THR A 42 1.36 -0.80 7.74
CA THR A 42 0.88 0.50 7.26
C THR A 42 -0.24 0.99 8.16
N THR A 43 -0.46 2.31 8.18
CA THR A 43 -1.59 2.90 8.90
C THR A 43 -2.90 2.62 8.15
N ASN A 44 -4.01 2.80 8.85
CA ASN A 44 -5.33 2.51 8.27
C ASN A 44 -6.39 3.39 8.95
N PRO A 45 -6.76 4.53 8.31
CA PRO A 45 -7.71 5.46 8.95
C PRO A 45 -9.08 4.83 9.26
N ALA A 46 -9.69 4.17 8.28
CA ALA A 46 -10.94 3.44 8.49
C ALA A 46 -10.92 2.53 9.73
N ILE A 47 -9.88 1.69 9.87
CA ILE A 47 -9.73 0.82 11.06
C ILE A 47 -9.50 1.63 12.37
N PHE A 48 -8.71 2.69 12.26
CA PHE A 48 -8.46 3.63 13.35
C PHE A 48 -9.77 4.27 13.80
N ALA A 49 -10.52 4.80 12.84
CA ALA A 49 -11.88 5.32 13.08
C ALA A 49 -12.72 4.36 13.91
N ALA A 50 -12.79 3.11 13.44
CA ALA A 50 -13.62 2.10 14.08
C ALA A 50 -13.14 1.81 15.50
N ALA A 51 -11.83 1.76 15.69
CA ALA A 51 -11.26 1.35 16.97
C ALA A 51 -11.62 2.33 18.07
N MET A 52 -11.64 3.63 17.75
CA MET A 52 -12.04 4.68 18.70
C MET A 52 -13.54 4.69 19.00
N SER A 53 -14.34 4.32 18.01
CA SER A 53 -15.79 4.26 18.17
C SER A 53 -16.24 3.02 18.94
N LYS A 54 -15.57 1.88 18.73
CA LYS A 54 -16.05 0.61 19.26
C LYS A 54 -15.14 -0.04 20.29
N GLY A 55 -14.01 0.59 20.59
CA GLY A 55 -13.01 0.01 21.49
C GLY A 55 -12.40 1.01 22.44
N ASP A 56 -11.71 0.48 23.45
CA ASP A 56 -11.10 1.29 24.49
C ASP A 56 -9.59 1.42 24.31
N SER A 57 -9.06 0.92 23.18
CA SER A 57 -7.60 0.84 22.99
C SER A 57 -6.87 2.19 23.01
N TYR A 58 -7.58 3.26 22.63
CA TYR A 58 -7.03 4.62 22.65
C TYR A 58 -7.47 5.44 23.85
N ASP A 59 -8.27 4.86 24.75
CA ASP A 59 -8.89 5.61 25.86
C ASP A 59 -7.89 6.41 26.69
N ALA A 60 -6.72 5.82 26.97
CA ALA A 60 -5.70 6.48 27.80
C ALA A 60 -5.19 7.79 27.20
N GLN A 61 -4.85 7.77 25.91
CA GLN A 61 -4.29 8.96 25.27
C GLN A 61 -5.34 10.01 24.95
N ILE A 62 -6.57 9.55 24.71
CA ILE A 62 -7.71 10.47 24.51
C ILE A 62 -7.95 11.24 25.81
N ALA A 63 -7.88 10.55 26.95
CA ALA A 63 -7.96 11.21 28.25
C ALA A 63 -6.88 12.28 28.34
N GLU A 64 -5.65 11.92 27.97
CA GLU A 64 -4.53 12.89 27.92
C GLU A 64 -4.83 14.10 27.05
N LEU A 65 -5.19 13.82 25.80
CA LEU A 65 -5.40 14.86 24.78
C LEU A 65 -6.63 15.72 25.08
N LYS A 66 -7.65 15.13 25.69
CA LYS A 66 -8.80 15.91 26.13
C LYS A 66 -8.41 16.78 27.33
N ALA A 67 -7.44 16.32 28.15
CA ALA A 67 -6.91 17.13 29.25
C ALA A 67 -6.14 18.36 28.75
N ALA A 68 -5.23 18.15 27.81
CA ALA A 68 -4.62 19.28 27.12
C ALA A 68 -5.70 19.88 26.20
N GLY A 69 -5.37 20.88 25.41
CA GLY A 69 -6.40 21.54 24.59
C GLY A 69 -6.54 21.01 23.17
N ALA A 70 -6.32 19.71 22.98
CA ALA A 70 -6.03 19.17 21.65
C ALA A 70 -7.22 19.24 20.69
N SER A 71 -7.00 19.87 19.54
CA SER A 71 -7.98 19.83 18.45
C SER A 71 -8.08 18.41 17.83
N VAL A 72 -9.13 18.18 17.05
CA VAL A 72 -9.31 16.90 16.37
C VAL A 72 -8.10 16.55 15.51
N ASP A 73 -7.58 17.53 14.75
CA ASP A 73 -6.41 17.32 13.90
C ASP A 73 -5.16 16.98 14.74
N GLN A 74 -4.94 17.70 15.84
CA GLN A 74 -3.79 17.43 16.71
C GLN A 74 -3.88 16.06 17.38
N ALA A 75 -5.08 15.66 17.78
CA ALA A 75 -5.26 14.36 18.44
C ALA A 75 -4.94 13.23 17.47
N VAL A 76 -5.56 13.27 16.31
CA VAL A 76 -5.33 12.30 15.24
C VAL A 76 -3.85 12.24 14.87
N TYR A 77 -3.22 13.40 14.75
CA TYR A 77 -1.78 13.49 14.47
C TYR A 77 -0.95 12.79 15.56
N ALA A 78 -1.13 13.23 16.80
CA ALA A 78 -0.40 12.72 17.97
C ALA A 78 -0.52 11.21 18.11
N MET A 79 -1.74 10.71 18.03
CA MET A 79 -2.01 9.31 18.24
C MET A 79 -1.36 8.42 17.15
N SER A 80 -1.51 8.79 15.89
CA SER A 80 -0.98 7.98 14.80
C SER A 80 0.55 8.01 14.75
N ILE A 81 1.14 9.17 15.06
CA ILE A 81 2.60 9.26 15.13
C ILE A 81 3.17 8.41 16.26
N ASP A 82 2.50 8.40 17.42
CA ASP A 82 2.99 7.58 18.54
C ASP A 82 2.92 6.09 18.16
N ASP A 83 1.81 5.67 17.53
CA ASP A 83 1.68 4.28 16.99
C ASP A 83 2.83 3.96 16.03
N VAL A 84 3.04 4.86 15.07
CA VAL A 84 3.96 4.62 13.95
C VAL A 84 5.41 4.51 14.45
N ARG A 85 5.78 5.43 15.33
CA ARG A 85 7.11 5.47 15.90
C ARG A 85 7.34 4.24 16.80
N ASN A 86 6.30 3.80 17.48
CA ASN A 86 6.37 2.57 18.26
C ASN A 86 6.60 1.36 17.34
N ALA A 87 5.88 1.31 16.22
CA ALA A 87 6.04 0.22 15.25
C ALA A 87 7.44 0.30 14.62
N CYS A 88 7.91 1.52 14.37
CA CYS A 88 9.26 1.71 13.81
C CYS A 88 10.33 1.07 14.69
N ASP A 89 10.26 1.34 16.00
CA ASP A 89 11.20 0.76 16.95
C ASP A 89 11.22 -0.75 16.85
N LEU A 90 10.05 -1.34 16.93
CA LEU A 90 9.91 -2.79 16.92
C LEU A 90 10.39 -3.42 15.61
N PHE A 91 10.25 -2.71 14.49
CA PHE A 91 10.72 -3.21 13.19
C PHE A 91 12.19 -2.86 12.86
N THR A 92 12.91 -2.30 13.82
CA THR A 92 14.30 -1.87 13.64
C THR A 92 15.24 -3.01 13.27
N GLY A 93 15.08 -4.16 13.92
CA GLY A 93 15.89 -5.35 13.63
C GLY A 93 15.72 -5.86 12.20
N ILE A 94 14.51 -5.81 11.68
CA ILE A 94 14.20 -6.30 10.33
C ILE A 94 14.67 -5.25 9.29
N PHE A 95 14.44 -3.99 9.60
CA PHE A 95 14.95 -2.88 8.80
C PHE A 95 16.46 -3.01 8.58
N GLU A 96 17.19 -3.36 9.62
CA GLU A 96 18.64 -3.45 9.55
C GLU A 96 19.09 -4.70 8.82
N SER A 97 18.45 -5.83 9.09
CA SER A 97 18.81 -7.08 8.43
C SER A 97 18.38 -7.17 6.96
N SER A 98 17.33 -6.42 6.58
CA SER A 98 16.76 -6.50 5.22
C SER A 98 17.35 -5.50 4.19
N ASN A 99 18.50 -4.91 4.52
CA ASN A 99 19.09 -3.81 3.76
C ASN A 99 18.14 -2.60 3.53
N GLY A 100 17.31 -2.34 4.54
CA GLY A 100 16.37 -1.24 4.53
C GLY A 100 15.08 -1.47 3.75
N TYR A 101 14.96 -2.60 3.07
CA TYR A 101 13.79 -2.86 2.24
C TYR A 101 12.53 -3.08 3.08
N ASP A 102 12.63 -3.96 4.08
CA ASP A 102 11.52 -4.29 4.97
C ASP A 102 11.77 -3.68 6.35
N GLY A 103 10.93 -4.03 7.32
CA GLY A 103 10.95 -3.35 8.60
C GLY A 103 10.33 -1.96 8.51
N ARG A 104 9.50 -1.72 7.50
CA ARG A 104 8.94 -0.39 7.22
C ARG A 104 7.58 -0.17 7.87
N VAL A 105 7.34 1.07 8.30
CA VAL A 105 6.04 1.50 8.80
C VAL A 105 5.60 2.72 8.00
N SER A 106 4.48 2.61 7.28
CA SER A 106 3.98 3.70 6.47
C SER A 106 2.89 4.55 7.18
N ILE A 107 2.97 5.85 6.96
CA ILE A 107 2.01 6.82 7.50
C ILE A 107 1.69 7.85 6.42
N GLU A 108 0.42 8.22 6.30
CA GLU A 108 0.01 9.11 5.23
C GLU A 108 0.08 10.57 5.64
N VAL A 109 0.26 11.42 4.63
CA VAL A 109 -0.03 12.84 4.75
C VAL A 109 -1.56 12.98 4.63
N ASP A 110 -2.07 14.17 4.89
CA ASP A 110 -3.51 14.43 4.90
C ASP A 110 -4.10 14.24 3.49
N PRO A 111 -5.04 13.28 3.32
CA PRO A 111 -5.69 13.03 2.03
C PRO A 111 -6.33 14.23 1.35
N ARG A 112 -6.68 15.26 2.11
CA ARG A 112 -7.34 16.45 1.57
C ARG A 112 -6.39 17.34 0.76
N ILE A 113 -5.09 17.22 0.98
CA ILE A 113 -4.10 18.01 0.22
C ILE A 113 -3.48 17.25 -0.97
N SER A 114 -4.14 16.20 -1.43
CA SER A 114 -3.56 15.31 -2.45
C SER A 114 -3.46 15.90 -3.85
N ALA A 115 -4.19 16.99 -4.13
CA ALA A 115 -4.01 17.71 -5.39
C ALA A 115 -3.00 18.86 -5.26
N ASP A 116 -2.39 19.00 -4.09
CA ASP A 116 -1.53 20.14 -3.77
C ASP A 116 -0.06 19.71 -3.60
N ARG A 117 0.72 19.78 -4.69
CA ARG A 117 2.13 19.39 -4.66
C ARG A 117 2.90 20.04 -3.49
N ASP A 118 2.80 21.36 -3.37
CA ASP A 118 3.57 22.11 -2.36
C ASP A 118 3.25 21.63 -0.96
N ALA A 119 1.96 21.60 -0.65
CA ALA A 119 1.48 21.23 0.66
C ALA A 119 1.79 19.77 0.97
N THR A 120 1.65 18.89 -0.03
CA THR A 120 2.00 17.48 0.16
C THR A 120 3.47 17.35 0.56
N LEU A 121 4.35 18.05 -0.17
CA LEU A 121 5.78 18.01 0.09
C LEU A 121 6.04 18.54 1.50
N ALA A 122 5.46 19.69 1.82
CA ALA A 122 5.64 20.31 3.12
C ALA A 122 5.30 19.30 4.22
N GLN A 123 4.10 18.73 4.15
CA GLN A 123 3.68 17.77 5.17
C GLN A 123 4.50 16.46 5.16
N ALA A 124 5.05 16.08 4.01
CA ALA A 124 5.93 14.91 3.94
C ALA A 124 7.19 15.14 4.77
N LYS A 125 7.80 16.31 4.59
CA LYS A 125 8.98 16.70 5.36
C LYS A 125 8.65 16.78 6.85
N GLU A 126 7.50 17.35 7.16
CA GLU A 126 7.06 17.51 8.56
C GLU A 126 6.91 16.17 9.25
N LEU A 127 6.16 15.26 8.61
CA LEU A 127 5.96 13.91 9.14
C LEU A 127 7.33 13.23 9.26
N TRP A 128 8.14 13.32 8.19
CA TRP A 128 9.45 12.70 8.20
C TRP A 128 10.25 13.14 9.41
N ALA A 129 10.30 14.45 9.64
CA ALA A 129 11.08 15.00 10.76
C ALA A 129 10.45 14.69 12.11
N LYS A 130 9.12 14.74 12.21
CA LYS A 130 8.45 14.47 13.48
C LYS A 130 8.64 13.02 13.94
N VAL A 131 8.32 12.08 13.06
CA VAL A 131 8.46 10.67 13.40
C VAL A 131 9.89 10.37 13.83
N ASP A 132 10.85 10.91 13.07
CA ASP A 132 12.27 10.78 13.39
C ASP A 132 12.69 9.32 13.63
N ARG A 133 12.32 8.48 12.68
CA ARG A 133 12.75 7.09 12.65
C ARG A 133 13.05 6.75 11.19
N PRO A 134 14.23 6.16 10.95
CA PRO A 134 14.69 5.94 9.60
C PRO A 134 13.93 4.87 8.82
N ASN A 135 13.14 4.04 9.48
CA ASN A 135 12.40 3.01 8.78
C ASN A 135 10.95 3.39 8.45
N VAL A 136 10.51 4.58 8.86
CA VAL A 136 9.19 5.07 8.46
C VAL A 136 9.16 5.30 6.95
N MET A 137 7.97 5.30 6.37
CA MET A 137 7.76 5.65 4.97
C MET A 137 6.57 6.58 4.95
N ILE A 138 6.60 7.57 4.08
CA ILE A 138 5.49 8.51 3.98
C ILE A 138 4.65 8.10 2.78
N LYS A 139 3.38 7.83 3.01
CA LYS A 139 2.47 7.47 1.93
C LYS A 139 2.10 8.71 1.15
N ILE A 140 2.46 8.73 -0.13
CA ILE A 140 2.07 9.82 -1.02
C ILE A 140 1.36 9.22 -2.22
N PRO A 141 0.11 9.67 -2.48
CA PRO A 141 -0.70 9.04 -3.52
C PRO A 141 -0.27 9.43 -4.92
N ALA A 142 -0.49 8.53 -5.88
CA ALA A 142 -0.10 8.74 -7.27
C ALA A 142 -1.19 9.53 -8.05
N THR A 143 -1.74 10.56 -7.40
CA THR A 143 -2.83 11.32 -7.95
C THR A 143 -2.29 12.69 -8.35
N PRO A 144 -2.98 13.38 -9.28
CA PRO A 144 -2.64 14.72 -9.70
C PRO A 144 -2.17 15.61 -8.57
N GLY A 145 -1.07 16.33 -8.76
CA GLY A 145 -0.51 17.17 -7.74
C GLY A 145 0.51 16.43 -6.87
N SER A 146 0.10 15.32 -6.25
CA SER A 146 1.02 14.63 -5.34
C SER A 146 1.95 13.67 -6.05
N LEU A 147 1.68 13.35 -7.31
CA LEU A 147 2.59 12.49 -8.08
C LEU A 147 3.99 13.13 -8.24
N PRO A 148 4.06 14.42 -8.64
CA PRO A 148 5.39 15.04 -8.68
C PRO A 148 5.99 15.33 -7.29
N ALA A 149 5.16 15.48 -6.27
CA ALA A 149 5.64 15.56 -4.87
C ALA A 149 6.41 14.31 -4.46
N ILE A 150 6.10 13.17 -5.08
CA ILE A 150 6.85 11.95 -4.83
C ILE A 150 8.34 12.14 -5.14
N THR A 151 8.68 12.68 -6.31
CA THR A 151 10.09 12.90 -6.65
C THR A 151 10.74 13.98 -5.78
N ASP A 152 9.98 15.00 -5.40
CA ASP A 152 10.50 16.07 -4.53
C ASP A 152 10.91 15.51 -3.18
N ALA A 153 10.04 14.67 -2.63
CA ALA A 153 10.23 14.03 -1.34
C ALA A 153 11.43 13.09 -1.37
N LEU A 154 11.47 12.19 -2.36
CA LEU A 154 12.63 11.31 -2.54
C LEU A 154 13.92 12.12 -2.72
N ALA A 155 13.80 13.26 -3.40
CA ALA A 155 14.94 14.17 -3.59
C ALA A 155 15.52 14.68 -2.26
N GLU A 156 14.68 14.82 -1.24
CA GLU A 156 15.11 15.24 0.10
C GLU A 156 15.54 14.05 0.99
N GLY A 157 15.56 12.85 0.44
CA GLY A 157 15.95 11.67 1.20
C GLY A 157 14.83 10.97 1.95
N ILE A 158 13.59 11.35 1.65
CA ILE A 158 12.43 10.73 2.29
C ILE A 158 12.07 9.45 1.53
N SER A 159 11.88 8.36 2.26
CA SER A 159 11.38 7.11 1.69
C SER A 159 9.87 7.18 1.55
N VAL A 160 9.34 6.77 0.40
CA VAL A 160 7.95 7.02 0.01
C VAL A 160 7.24 5.71 -0.34
N ASN A 161 6.08 5.49 0.28
CA ASN A 161 5.13 4.46 -0.13
C ASN A 161 4.12 5.11 -1.08
N VAL A 162 4.23 4.79 -2.37
CA VAL A 162 3.36 5.40 -3.34
C VAL A 162 2.05 4.66 -3.27
N THR A 163 0.95 5.39 -3.17
CA THR A 163 -0.33 4.74 -3.00
C THR A 163 -1.32 5.17 -4.05
N LEU A 164 -2.48 4.52 -4.05
CA LEU A 164 -3.51 4.80 -5.03
C LEU A 164 -2.96 4.67 -6.46
N ILE A 165 -2.32 3.54 -6.74
CA ILE A 165 -1.99 3.20 -8.12
C ILE A 165 -2.99 2.17 -8.56
N PHE A 166 -3.73 2.47 -9.62
CA PHE A 166 -4.79 1.58 -10.12
C PHE A 166 -4.48 1.02 -11.50
N SER A 167 -3.72 1.76 -12.29
CA SER A 167 -3.52 1.42 -13.68
C SER A 167 -2.06 1.35 -14.03
N VAL A 168 -1.75 0.60 -15.09
CA VAL A 168 -0.38 0.41 -15.56
C VAL A 168 0.24 1.71 -16.14
N ALA A 169 -0.58 2.49 -16.86
CA ALA A 169 -0.19 3.83 -17.32
C ALA A 169 0.36 4.69 -16.17
N ARG A 170 -0.41 4.77 -15.09
CA ARG A 170 -0.04 5.57 -13.92
C ARG A 170 1.13 4.92 -13.18
N TYR A 171 1.23 3.58 -13.23
CA TYR A 171 2.36 2.92 -12.60
C TYR A 171 3.65 3.33 -13.32
N ARG A 172 3.62 3.36 -14.66
CA ARG A 172 4.75 3.86 -15.48
C ARG A 172 5.21 5.25 -15.08
N GLU A 173 4.25 6.12 -14.78
CA GLU A 173 4.53 7.46 -14.30
C GLU A 173 5.10 7.47 -12.89
N VAL A 174 4.62 6.55 -12.05
CA VAL A 174 5.20 6.39 -10.71
C VAL A 174 6.66 5.97 -10.78
N ILE A 175 6.98 4.91 -11.54
CA ILE A 175 8.38 4.51 -11.73
C ILE A 175 9.28 5.65 -12.24
N ALA A 176 8.83 6.38 -13.26
CA ALA A 176 9.55 7.56 -13.76
C ALA A 176 9.81 8.57 -12.64
N ALA A 177 8.80 8.83 -11.81
CA ALA A 177 8.95 9.77 -10.70
C ALA A 177 9.94 9.26 -9.64
N PHE A 178 9.97 7.95 -9.43
CA PHE A 178 10.96 7.34 -8.53
C PHE A 178 12.37 7.51 -9.05
N ILE A 179 12.58 7.19 -10.31
CA ILE A 179 13.91 7.31 -10.92
C ILE A 179 14.42 8.76 -10.80
N GLU A 180 13.56 9.73 -11.09
CA GLU A 180 13.91 11.16 -10.98
C GLU A 180 14.15 11.59 -9.54
N GLY A 181 13.33 11.06 -8.63
CA GLY A 181 13.52 11.23 -7.21
C GLY A 181 14.93 10.84 -6.81
N ILE A 182 15.36 9.66 -7.21
CA ILE A 182 16.67 9.15 -6.78
C ILE A 182 17.82 9.86 -7.50
N LYS A 183 17.62 10.20 -8.78
CA LYS A 183 18.60 10.99 -9.50
C LYS A 183 18.82 12.33 -8.78
N GLN A 184 17.74 13.01 -8.40
CA GLN A 184 17.85 14.30 -7.70
C GLN A 184 18.42 14.16 -6.28
N ALA A 185 18.06 13.08 -5.58
CA ALA A 185 18.63 12.81 -4.28
C ALA A 185 20.16 12.74 -4.36
N ALA A 186 20.68 12.03 -5.37
CA ALA A 186 22.13 11.94 -5.61
C ALA A 186 22.76 13.32 -5.88
N ALA A 187 22.15 14.05 -6.82
CA ALA A 187 22.56 15.43 -7.13
C ALA A 187 22.52 16.36 -5.91
N ASN A 188 21.64 16.09 -4.96
CA ASN A 188 21.54 16.86 -3.71
C ASN A 188 22.43 16.33 -2.60
N GLY A 189 23.34 15.42 -2.94
CA GLY A 189 24.34 14.91 -1.99
C GLY A 189 23.88 13.85 -1.01
N HIS A 190 22.68 13.31 -1.19
CA HIS A 190 22.16 12.31 -0.26
C HIS A 190 22.68 10.92 -0.61
N ASP A 191 22.87 10.11 0.42
CA ASP A 191 23.26 8.72 0.23
C ASP A 191 22.04 7.98 -0.26
N VAL A 192 22.03 7.63 -1.54
CA VAL A 192 20.82 7.07 -2.16
C VAL A 192 20.50 5.65 -1.70
N SER A 193 21.50 4.96 -1.12
CA SER A 193 21.30 3.61 -0.62
C SER A 193 20.37 3.55 0.60
N LYS A 194 20.07 4.68 1.23
CA LYS A 194 19.08 4.66 2.31
C LYS A 194 17.73 5.28 1.91
N ILE A 195 17.49 5.44 0.62
CA ILE A 195 16.20 5.93 0.16
C ILE A 195 15.46 4.75 -0.44
N HIS A 196 14.30 4.45 0.11
CA HIS A 196 13.50 3.34 -0.36
C HIS A 196 12.10 3.79 -0.81
N SER A 197 11.48 2.97 -1.66
CA SER A 197 10.12 3.23 -2.10
C SER A 197 9.42 1.92 -2.50
N VAL A 198 8.11 1.88 -2.31
CA VAL A 198 7.28 0.80 -2.80
C VAL A 198 6.16 1.46 -3.59
N ALA A 199 5.63 0.73 -4.55
CA ALA A 199 4.56 1.23 -5.39
C ALA A 199 3.31 0.40 -5.11
N SER A 200 2.39 0.97 -4.33
CA SER A 200 1.20 0.24 -3.91
C SER A 200 0.15 0.22 -5.00
N PHE A 201 0.02 -0.95 -5.62
CA PHE A 201 -0.81 -1.18 -6.79
C PHE A 201 -2.02 -1.97 -6.35
N PHE A 202 -3.20 -1.38 -6.48
CA PHE A 202 -4.43 -2.00 -5.97
C PHE A 202 -4.92 -3.15 -6.85
N VAL A 203 -5.46 -4.18 -6.19
CA VAL A 203 -5.82 -5.41 -6.88
C VAL A 203 -7.35 -5.69 -6.85
N SER A 204 -7.94 -5.75 -5.66
CA SER A 204 -9.34 -6.13 -5.53
C SER A 204 -10.32 -5.13 -6.13
N ARG A 205 -9.99 -3.84 -6.04
CA ARG A 205 -10.82 -2.76 -6.62
C ARG A 205 -11.23 -3.02 -8.07
N VAL A 206 -10.27 -3.51 -8.85
CA VAL A 206 -10.44 -3.69 -10.28
C VAL A 206 -11.53 -4.74 -10.53
N ASP A 207 -11.46 -5.84 -9.78
CA ASP A 207 -12.43 -6.93 -9.91
C ASP A 207 -13.81 -6.55 -9.40
N VAL A 208 -13.86 -5.64 -8.43
CA VAL A 208 -15.12 -5.15 -7.91
C VAL A 208 -15.82 -4.36 -9.02
N GLU A 209 -15.08 -3.49 -9.70
CA GLU A 209 -15.68 -2.69 -10.73
C GLU A 209 -16.03 -3.55 -11.93
N ILE A 210 -15.07 -4.36 -12.38
CA ILE A 210 -15.22 -5.16 -13.59
C ILE A 210 -16.20 -6.31 -13.41
N ASP A 211 -16.20 -6.97 -12.25
CA ASP A 211 -17.22 -8.03 -11.99
C ASP A 211 -18.65 -7.48 -12.17
N LYS A 212 -18.93 -6.27 -11.67
CA LYS A 212 -20.22 -5.63 -11.92
C LYS A 212 -20.51 -5.49 -13.39
N ARG A 213 -19.56 -4.95 -14.14
CA ARG A 213 -19.78 -4.66 -15.56
C ARG A 213 -19.91 -5.95 -16.39
N LEU A 214 -19.17 -6.98 -16.00
CA LEU A 214 -19.30 -8.30 -16.66
C LEU A 214 -20.69 -8.90 -16.42
N GLU A 215 -21.21 -8.71 -15.21
CA GLU A 215 -22.57 -9.15 -14.89
C GLU A 215 -23.63 -8.36 -15.67
N ALA A 216 -23.39 -7.08 -15.94
CA ALA A 216 -24.30 -6.29 -16.77
C ALA A 216 -24.35 -6.81 -18.21
N ILE A 217 -23.20 -7.22 -18.75
CA ILE A 217 -23.16 -7.83 -20.08
C ILE A 217 -23.91 -9.16 -20.04
N GLY A 218 -23.59 -9.97 -19.03
CA GLY A 218 -24.37 -11.16 -18.70
C GLY A 218 -24.15 -12.39 -19.58
N SER A 219 -23.36 -12.28 -20.64
CA SER A 219 -23.09 -13.43 -21.50
C SER A 219 -22.25 -14.47 -20.76
N ASP A 220 -22.39 -15.72 -21.18
CA ASP A 220 -21.60 -16.86 -20.69
C ASP A 220 -20.14 -16.49 -20.52
N GLU A 221 -19.60 -15.95 -21.59
CA GLU A 221 -18.21 -15.59 -21.68
C GLU A 221 -17.86 -14.47 -20.69
N ALA A 222 -18.68 -13.42 -20.62
CA ALA A 222 -18.47 -12.35 -19.65
C ALA A 222 -18.46 -12.88 -18.23
N LEU A 223 -19.40 -13.76 -17.90
CA LEU A 223 -19.52 -14.30 -16.56
C LEU A 223 -18.35 -15.22 -16.21
N ALA A 224 -17.79 -15.90 -17.22
CA ALA A 224 -16.65 -16.80 -17.01
C ALA A 224 -15.36 -16.02 -16.78
N LEU A 225 -15.33 -14.76 -17.22
CA LEU A 225 -14.15 -13.91 -17.04
C LEU A 225 -14.04 -13.26 -15.67
N ARG A 226 -15.04 -13.45 -14.82
CA ARG A 226 -15.09 -12.73 -13.55
C ARG A 226 -13.97 -13.17 -12.64
N GLY A 227 -13.46 -12.24 -11.84
CA GLY A 227 -12.40 -12.54 -10.87
C GLY A 227 -11.01 -12.73 -11.48
N LYS A 228 -10.81 -12.29 -12.73
CA LYS A 228 -9.53 -12.44 -13.43
C LYS A 228 -8.77 -11.13 -13.67
N ALA A 229 -9.47 -10.01 -13.79
CA ALA A 229 -8.86 -8.74 -14.22
C ALA A 229 -7.91 -8.13 -13.21
N GLY A 230 -8.22 -8.28 -11.92
CA GLY A 230 -7.39 -7.69 -10.87
C GLY A 230 -5.99 -8.27 -10.86
N VAL A 231 -5.92 -9.60 -10.85
CA VAL A 231 -4.65 -10.34 -10.94
C VAL A 231 -3.94 -9.99 -12.24
N ALA A 232 -4.67 -10.08 -13.36
CA ALA A 232 -4.10 -9.80 -14.68
C ALA A 232 -3.50 -8.39 -14.75
N ASN A 233 -4.26 -7.40 -14.29
CA ASN A 233 -3.77 -6.02 -14.22
C ASN A 233 -2.46 -5.89 -13.40
N ALA A 234 -2.39 -6.54 -12.25
CA ALA A 234 -1.18 -6.52 -11.42
C ALA A 234 0.01 -7.17 -12.13
N GLN A 235 -0.25 -8.27 -12.82
CA GLN A 235 0.78 -9.00 -13.56
C GLN A 235 1.34 -8.15 -14.68
N ARG A 236 0.44 -7.46 -15.39
CA ARG A 236 0.87 -6.47 -16.37
C ARG A 236 1.74 -5.36 -15.77
N ALA A 237 1.41 -4.92 -14.55
CA ALA A 237 2.26 -3.97 -13.82
C ALA A 237 3.66 -4.54 -13.57
N TYR A 238 3.75 -5.82 -13.25
CA TYR A 238 5.04 -6.45 -12.96
C TYR A 238 5.93 -6.49 -14.20
N ALA A 239 5.33 -6.78 -15.35
CA ALA A 239 6.06 -6.71 -16.61
C ALA A 239 6.61 -5.30 -16.82
N VAL A 240 5.82 -4.28 -16.49
CA VAL A 240 6.29 -2.90 -16.63
C VAL A 240 7.44 -2.60 -15.66
N TYR A 241 7.31 -3.01 -14.40
CA TYR A 241 8.38 -2.90 -13.43
C TYR A 241 9.70 -3.36 -14.08
N LYS A 242 9.69 -4.58 -14.58
CA LYS A 242 10.89 -5.20 -15.15
C LYS A 242 11.39 -4.39 -16.34
N GLU A 243 10.44 -3.95 -17.17
CA GLU A 243 10.79 -3.20 -18.36
C GLU A 243 11.50 -1.89 -18.02
N LEU A 244 10.93 -1.09 -17.11
CA LEU A 244 11.43 0.26 -16.88
C LEU A 244 12.72 0.27 -16.04
N PHE A 245 12.84 -0.65 -15.09
CA PHE A 245 14.08 -0.78 -14.33
C PHE A 245 15.22 -1.46 -15.13
N ASP A 246 14.86 -2.29 -16.10
CA ASP A 246 15.83 -2.73 -17.10
C ASP A 246 16.41 -1.51 -17.85
N ALA A 247 15.53 -0.64 -18.33
CA ALA A 247 15.95 0.51 -19.13
C ALA A 247 16.60 1.62 -18.28
N ALA A 248 16.35 1.64 -16.97
CA ALA A 248 16.78 2.74 -16.11
C ALA A 248 18.29 2.72 -15.84
N GLU A 249 18.85 3.91 -15.63
CA GLU A 249 20.26 4.06 -15.25
C GLU A 249 20.25 4.80 -13.93
N LEU A 250 20.35 4.05 -12.84
CA LEU A 250 20.22 4.65 -11.52
C LEU A 250 21.59 4.92 -10.96
N PRO A 251 21.71 5.97 -10.12
CA PRO A 251 23.00 6.17 -9.48
C PRO A 251 23.40 4.91 -8.70
N GLU A 252 24.70 4.66 -8.62
CA GLU A 252 25.21 3.48 -7.92
C GLU A 252 24.79 3.49 -6.45
N GLY A 253 24.38 2.33 -5.94
CA GLY A 253 23.85 2.22 -4.57
C GLY A 253 22.34 2.41 -4.44
N ALA A 254 21.68 2.80 -5.53
CA ALA A 254 20.22 3.03 -5.52
C ALA A 254 19.45 1.72 -5.31
N ASN A 255 18.32 1.84 -4.60
CA ASN A 255 17.44 0.69 -4.36
C ASN A 255 16.45 0.61 -5.50
N THR A 256 15.88 -0.58 -5.72
CA THR A 256 14.77 -0.72 -6.66
C THR A 256 13.47 -0.26 -5.98
N GLN A 257 12.47 0.16 -6.75
CA GLN A 257 11.15 0.45 -6.18
C GLN A 257 10.28 -0.80 -6.36
N ARG A 258 10.08 -1.56 -5.29
CA ARG A 258 9.35 -2.85 -5.41
C ARG A 258 7.87 -2.63 -5.63
N PRO A 259 7.28 -3.36 -6.59
CA PRO A 259 5.81 -3.32 -6.65
C PRO A 259 5.21 -3.90 -5.38
N LEU A 260 4.08 -3.33 -4.94
CA LEU A 260 3.38 -3.76 -3.73
C LEU A 260 1.89 -3.94 -4.04
N TRP A 261 1.42 -5.14 -3.80
CA TRP A 261 0.04 -5.49 -4.04
C TRP A 261 -0.75 -5.10 -2.80
N ALA A 262 -1.63 -4.12 -2.99
CA ALA A 262 -2.50 -3.63 -1.93
C ALA A 262 -3.94 -3.99 -2.26
N SER A 263 -4.81 -3.88 -1.26
CA SER A 263 -6.20 -4.29 -1.39
C SER A 263 -6.25 -5.71 -1.91
N THR A 264 -5.61 -6.61 -1.16
CA THR A 264 -5.49 -8.02 -1.56
C THR A 264 -6.41 -8.96 -0.75
N GLY A 265 -7.39 -8.35 -0.08
CA GLY A 265 -8.48 -9.11 0.50
C GLY A 265 -9.56 -9.31 -0.55
N VAL A 266 -9.96 -10.55 -0.77
CA VAL A 266 -10.99 -10.90 -1.74
C VAL A 266 -12.34 -10.31 -1.28
N LYS A 267 -13.13 -9.80 -2.22
CA LYS A 267 -14.41 -9.15 -1.88
C LYS A 267 -15.65 -9.98 -2.19
N ASN A 268 -15.45 -11.13 -2.84
CA ASN A 268 -16.51 -12.06 -3.16
C ASN A 268 -16.30 -13.33 -2.37
N PRO A 269 -17.33 -13.80 -1.63
CA PRO A 269 -17.25 -15.03 -0.84
C PRO A 269 -16.94 -16.29 -1.62
N ALA A 270 -17.20 -16.28 -2.95
CA ALA A 270 -16.94 -17.44 -3.79
C ALA A 270 -15.47 -17.58 -4.22
N TYR A 271 -14.71 -16.49 -4.16
CA TYR A 271 -13.29 -16.49 -4.51
C TYR A 271 -12.45 -17.01 -3.35
N ALA A 272 -11.42 -17.79 -3.66
CA ALA A 272 -10.54 -18.29 -2.60
C ALA A 272 -9.85 -17.09 -1.93
N ALA A 273 -9.68 -17.15 -0.61
CA ALA A 273 -9.21 -16.02 0.18
C ALA A 273 -7.71 -15.71 -0.06
N THR A 274 -7.04 -16.65 -0.74
CA THR A 274 -5.62 -16.57 -1.09
C THR A 274 -5.41 -16.15 -2.56
N LEU A 275 -6.48 -15.81 -3.27
CA LEU A 275 -6.39 -15.49 -4.71
C LEU A 275 -5.38 -14.39 -5.04
N TYR A 276 -5.42 -13.30 -4.28
CA TYR A 276 -4.55 -12.15 -4.56
C TYR A 276 -3.17 -12.26 -3.91
N VAL A 277 -2.84 -13.44 -3.37
CA VAL A 277 -1.51 -13.77 -2.83
C VAL A 277 -0.85 -14.82 -3.73
N SER A 278 -1.49 -16.00 -3.87
CA SER A 278 -0.92 -17.08 -4.71
C SER A 278 -0.66 -16.66 -6.15
N GLU A 279 -1.52 -15.80 -6.71
CA GLU A 279 -1.39 -15.44 -8.13
C GLU A 279 -0.46 -14.24 -8.38
N LEU A 280 0.09 -13.67 -7.31
CA LEU A 280 0.91 -12.48 -7.42
C LEU A 280 2.22 -12.65 -6.66
N ALA A 281 2.73 -13.89 -6.67
CA ALA A 281 3.95 -14.23 -5.93
C ALA A 281 5.15 -14.24 -6.88
N GLY A 282 6.22 -13.59 -6.46
CA GLY A 282 7.47 -13.67 -7.20
C GLY A 282 8.45 -12.59 -6.80
N PRO A 283 9.55 -12.45 -7.56
CA PRO A 283 10.70 -11.67 -7.13
C PRO A 283 10.46 -10.18 -6.92
N ASN A 284 11.06 -9.66 -5.86
CA ASN A 284 11.17 -8.21 -5.60
C ASN A 284 9.82 -7.53 -5.30
N THR A 285 8.92 -8.27 -4.65
CA THR A 285 7.58 -7.76 -4.37
C THR A 285 7.19 -7.76 -2.89
N VAL A 286 6.13 -7.01 -2.61
CA VAL A 286 5.54 -6.91 -1.30
C VAL A 286 4.03 -7.15 -1.53
N ASN A 287 3.38 -7.74 -0.54
CA ASN A 287 1.95 -7.84 -0.53
C ASN A 287 1.46 -7.31 0.81
N THR A 288 0.67 -6.25 0.78
CA THR A 288 0.12 -5.67 2.01
C THR A 288 -1.26 -6.25 2.21
N MET A 289 -1.34 -7.26 3.08
CA MET A 289 -2.54 -8.08 3.28
C MET A 289 -3.29 -7.66 4.52
N PRO A 290 -4.63 -7.80 4.51
CA PRO A 290 -5.38 -7.76 5.77
C PRO A 290 -5.03 -9.00 6.57
N GLU A 291 -5.03 -8.88 7.88
CA GLU A 291 -4.61 -10.00 8.69
C GLU A 291 -5.42 -11.28 8.42
N GLY A 292 -6.70 -11.13 8.12
CA GLY A 292 -7.53 -12.29 7.76
C GLY A 292 -7.04 -13.02 6.51
N THR A 293 -6.49 -12.27 5.57
CA THR A 293 -5.86 -12.83 4.39
C THR A 293 -4.54 -13.50 4.74
N ILE A 294 -3.79 -12.91 5.67
CA ILE A 294 -2.57 -13.55 6.17
C ILE A 294 -2.93 -14.92 6.77
N ASP A 295 -3.98 -14.97 7.61
CA ASP A 295 -4.40 -16.23 8.25
C ASP A 295 -4.94 -17.25 7.25
N ALA A 296 -5.56 -16.79 6.17
CA ALA A 296 -6.00 -17.69 5.11
C ALA A 296 -4.79 -18.32 4.43
N VAL A 297 -3.78 -17.51 4.12
CA VAL A 297 -2.57 -18.06 3.49
C VAL A 297 -1.92 -19.08 4.46
N LEU A 298 -1.80 -18.70 5.73
CA LEU A 298 -1.16 -19.58 6.74
C LEU A 298 -1.83 -20.94 6.88
N GLU A 299 -3.17 -21.00 6.88
CA GLU A 299 -3.87 -22.28 7.08
C GLU A 299 -4.21 -23.02 5.80
N GLN A 300 -4.45 -22.29 4.72
CA GLN A 300 -4.87 -22.89 3.45
C GLN A 300 -3.73 -23.06 2.48
N GLY A 301 -2.77 -22.14 2.50
CA GLY A 301 -1.66 -22.14 1.54
C GLY A 301 -2.13 -21.90 0.11
N ASN A 302 -2.05 -22.91 -0.70
CA ASN A 302 -2.38 -22.89 -2.14
C ASN A 302 -1.43 -22.00 -3.00
N LEU A 303 -0.20 -21.84 -2.57
CA LEU A 303 0.85 -21.25 -3.38
C LEU A 303 1.20 -22.28 -4.46
N HIS A 304 1.62 -21.83 -5.62
CA HIS A 304 2.17 -22.68 -6.68
C HIS A 304 3.25 -21.94 -7.45
N GLY A 305 4.35 -21.66 -6.77
CA GLY A 305 5.49 -21.04 -7.36
C GLY A 305 5.42 -19.55 -7.60
N ASP A 306 6.32 -19.08 -8.41
CA ASP A 306 6.32 -17.75 -8.90
C ASP A 306 5.27 -17.58 -10.01
N THR A 307 4.30 -16.77 -9.75
CA THR A 307 3.19 -16.58 -10.61
C THR A 307 3.21 -15.24 -11.31
N LEU A 308 4.31 -14.55 -11.18
CA LEU A 308 4.47 -13.22 -11.73
C LEU A 308 5.38 -13.18 -12.95
N SER A 309 6.55 -13.80 -12.83
CA SER A 309 7.61 -13.62 -13.82
C SER A 309 7.17 -14.03 -15.22
N ASN A 310 6.51 -15.18 -15.34
CA ASN A 310 6.15 -15.75 -16.64
C ASN A 310 4.66 -15.54 -16.98
N SER A 311 4.10 -14.45 -16.45
CA SER A 311 2.66 -14.24 -16.40
C SER A 311 2.09 -13.32 -17.48
N ALA A 312 2.96 -12.67 -18.23
CA ALA A 312 2.54 -11.56 -19.09
C ALA A 312 1.60 -12.02 -20.21
N ALA A 313 1.89 -13.16 -20.82
CA ALA A 313 1.04 -13.70 -21.87
C ALA A 313 -0.40 -13.93 -21.39
N GLU A 314 -0.56 -14.63 -20.26
CA GLU A 314 -1.89 -14.90 -19.68
C GLU A 314 -2.64 -13.59 -19.41
N ALA A 315 -1.97 -12.68 -18.71
CA ALA A 315 -2.59 -11.45 -18.26
C ALA A 315 -3.08 -10.63 -19.44
N ASP A 316 -2.28 -10.51 -20.49
CA ASP A 316 -2.71 -9.82 -21.71
C ASP A 316 -3.95 -10.46 -22.35
N ALA A 317 -4.05 -11.80 -22.29
CA ALA A 317 -5.18 -12.50 -22.88
C ALA A 317 -6.49 -12.17 -22.14
N VAL A 318 -6.41 -12.08 -20.82
CA VAL A 318 -7.52 -11.57 -20.02
C VAL A 318 -7.95 -10.19 -20.52
N PHE A 319 -6.99 -9.26 -20.65
CA PHE A 319 -7.29 -7.88 -21.06
C PHE A 319 -7.81 -7.74 -22.49
N SER A 320 -7.26 -8.52 -23.42
CA SER A 320 -7.71 -8.49 -24.81
C SER A 320 -9.11 -9.12 -24.92
N GLN A 321 -9.36 -10.16 -24.13
CA GLN A 321 -10.69 -10.71 -24.02
C GLN A 321 -11.71 -9.74 -23.38
N LEU A 322 -11.30 -9.02 -22.32
CA LEU A 322 -12.20 -8.04 -21.70
C LEU A 322 -12.60 -6.97 -22.74
N GLU A 323 -11.61 -6.52 -23.50
CA GLU A 323 -11.85 -5.48 -24.47
C GLU A 323 -12.65 -6.03 -25.68
N ALA A 324 -12.52 -7.34 -25.97
CA ALA A 324 -13.34 -7.96 -27.01
C ALA A 324 -14.81 -7.98 -26.60
N LEU A 325 -15.08 -8.23 -25.32
CA LEU A 325 -16.45 -8.23 -24.78
C LEU A 325 -17.04 -6.82 -24.63
N GLY A 326 -16.25 -5.79 -24.92
CA GLY A 326 -16.74 -4.39 -24.95
C GLY A 326 -16.52 -3.60 -23.66
N VAL A 327 -15.82 -4.19 -22.70
CA VAL A 327 -15.57 -3.54 -21.41
C VAL A 327 -14.60 -2.40 -21.64
N ASP A 328 -15.01 -1.18 -21.27
CA ASP A 328 -14.22 0.03 -21.51
C ASP A 328 -13.20 0.18 -20.39
N LEU A 329 -12.04 -0.41 -20.61
CA LEU A 329 -11.01 -0.52 -19.59
C LEU A 329 -10.47 0.85 -19.18
N ALA A 330 -10.35 1.79 -20.12
CA ALA A 330 -9.91 3.14 -19.75
C ALA A 330 -10.96 3.82 -18.84
N ASP A 331 -12.25 3.59 -19.12
CA ASP A 331 -13.31 4.15 -18.27
C ASP A 331 -13.30 3.49 -16.88
N VAL A 332 -13.09 2.18 -16.85
CA VAL A 332 -12.93 1.43 -15.60
C VAL A 332 -11.84 2.08 -14.76
N PHE A 333 -10.66 2.28 -15.34
CA PHE A 333 -9.54 2.80 -14.58
C PHE A 333 -9.72 4.25 -14.13
N GLN A 334 -10.52 5.02 -14.87
CA GLN A 334 -10.88 6.38 -14.47
C GLN A 334 -11.88 6.38 -13.31
N VAL A 335 -12.86 5.47 -13.35
CA VAL A 335 -13.79 5.31 -12.23
C VAL A 335 -13.04 4.91 -10.94
N LEU A 336 -12.09 3.98 -11.08
CA LEU A 336 -11.29 3.52 -9.93
C LEU A 336 -10.47 4.65 -9.31
N GLU A 337 -9.85 5.46 -10.16
CA GLU A 337 -9.09 6.60 -9.64
C GLU A 337 -9.97 7.63 -8.92
N THR A 338 -11.10 7.99 -9.51
CA THR A 338 -12.02 8.96 -8.92
CA THR A 338 -12.00 8.97 -8.91
C THR A 338 -12.59 8.40 -7.63
N GLU A 339 -13.08 7.17 -7.70
CA GLU A 339 -13.61 6.49 -6.51
C GLU A 339 -12.54 6.25 -5.47
N GLY A 340 -11.31 6.02 -5.93
CA GLY A 340 -10.17 5.84 -5.05
C GLY A 340 -9.87 7.08 -4.22
N VAL A 341 -9.78 8.23 -4.88
CA VAL A 341 -9.55 9.51 -4.19
C VAL A 341 -10.70 9.81 -3.25
N ASP A 342 -11.94 9.62 -3.69
CA ASP A 342 -13.08 9.92 -2.84
C ASP A 342 -13.13 9.01 -1.59
N LYS A 343 -12.91 7.70 -1.78
CA LYS A 343 -12.83 6.76 -0.66
C LYS A 343 -11.75 7.17 0.32
N PHE A 344 -10.59 7.51 -0.24
CA PHE A 344 -9.41 7.96 0.49
C PHE A 344 -9.75 9.14 1.39
N VAL A 345 -10.37 10.14 0.80
CA VAL A 345 -10.75 11.36 1.52
C VAL A 345 -11.92 11.08 2.46
N ALA A 346 -12.84 10.20 2.04
CA ALA A 346 -14.03 9.91 2.83
C ALA A 346 -13.67 9.23 4.14
N SER A 347 -12.83 8.20 4.06
CA SER A 347 -12.38 7.48 5.25
C SER A 347 -11.61 8.40 6.20
N TRP A 348 -10.98 9.44 5.65
CA TRP A 348 -10.32 10.45 6.48
C TRP A 348 -11.33 11.27 7.28
N SER A 349 -12.40 11.72 6.64
CA SER A 349 -13.48 12.41 7.34
C SER A 349 -14.17 11.49 8.38
N GLU A 350 -14.32 10.22 8.04
CA GLU A 350 -14.82 9.23 8.99
C GLU A 350 -13.95 9.16 10.26
N LEU A 351 -12.64 9.19 10.09
CA LEU A 351 -11.70 9.26 11.23
C LEU A 351 -11.84 10.55 12.03
N LEU A 352 -11.96 11.69 11.33
CA LEU A 352 -12.13 12.98 12.00
C LEU A 352 -13.43 13.07 12.79
N GLU A 353 -14.48 12.40 12.31
CA GLU A 353 -15.77 12.32 13.03
C GLU A 353 -15.66 11.46 14.28
N SER A 354 -15.11 10.25 14.12
CA SER A 354 -14.83 9.35 15.23
C SER A 354 -14.08 10.11 16.32
N MET A 355 -13.00 10.76 15.93
CA MET A 355 -12.13 11.49 16.85
C MET A 355 -12.93 12.55 17.60
N GLU A 356 -13.72 13.32 16.87
CA GLU A 356 -14.48 14.41 17.44
C GLU A 356 -15.45 13.87 18.48
N ALA A 357 -16.07 12.72 18.18
CA ALA A 357 -16.98 12.05 19.12
C ALA A 357 -16.36 11.75 20.49
N ARG A 358 -15.05 11.45 20.52
CA ARG A 358 -14.36 11.08 21.76
C ARG A 358 -13.87 12.31 22.53
N LEU A 359 -13.48 13.36 21.80
CA LEU A 359 -12.94 14.57 22.42
C LEU A 359 -13.95 15.46 23.14
N LYS A 360 -15.24 15.34 22.81
CA LYS A 360 -16.30 16.14 23.45
C LYS A 360 -16.30 15.97 24.98
#